data_5JP4
#
_entry.id   5JP4
#
_cell.length_a   39.179
_cell.length_b   41.452
_cell.length_c   95.626
_cell.angle_alpha   90.00
_cell.angle_beta   90.00
_cell.angle_gamma   90.00
#
_symmetry.space_group_name_H-M   'P 2 21 21'
#
loop_
_entity.id
_entity.type
_entity.pdbx_description
1 polymer 'mRNA-decapping enzyme subunit 1'
2 polymer 'Uncharacterized protein C18G6.09c'
3 water water
#
loop_
_entity_poly.entity_id
_entity_poly.type
_entity_poly.pdbx_seq_one_letter_code
_entity_poly.pdbx_strand_id
1 'polypeptide(L)'
;GAMEDENILRNAVNLQVLKFHYPEIESIIDIASHVAVYQFDVGSQKWLKTSIEGTFFLVKDQRARVGYVILNRNSPENLY
LFINHPSNVHLVDRYLIHRTENQHVVGLWMFDPNDMSRIFNIVKESLLR
;
A
2 'polypeptide(L)' GAMSFSSNSSSDTNSILYAGPTFTHSPAASNLPIPTFLHSP B
#
# COMPACT_ATOMS: atom_id res chain seq x y z
N GLU A 4 1.08 -11.84 22.96
CA GLU A 4 0.28 -10.67 22.64
C GLU A 4 0.91 -9.38 23.16
N ASP A 5 1.52 -9.47 24.36
CA ASP A 5 2.03 -8.26 25.02
C ASP A 5 3.21 -7.66 24.28
N GLU A 6 4.09 -8.50 23.71
CA GLU A 6 5.17 -7.97 22.89
C GLU A 6 4.65 -7.23 21.66
N ASN A 7 3.55 -7.69 21.07
CA ASN A 7 2.98 -7.00 19.91
C ASN A 7 2.43 -5.62 20.29
N ILE A 8 1.82 -5.53 21.47
CA ILE A 8 1.28 -4.25 21.97
C ILE A 8 2.38 -3.19 22.03
N LEU A 9 3.48 -3.51 22.71
CA LEU A 9 4.60 -2.57 22.77
C LEU A 9 5.11 -2.25 21.37
N ARG A 10 5.24 -3.28 20.53
CA ARG A 10 5.77 -3.08 19.19
C ARG A 10 4.91 -2.11 18.39
N ASN A 11 3.59 -2.20 18.54
CA ASN A 11 2.72 -1.27 17.82
C ASN A 11 2.82 0.14 18.40
N ALA A 12 3.03 0.26 19.72
CA ALA A 12 3.22 1.58 20.32
C ALA A 12 4.50 2.24 19.80
N VAL A 13 5.55 1.45 19.61
CA VAL A 13 6.81 1.95 19.08
C VAL A 13 6.66 2.31 17.60
N ASN A 14 6.06 1.41 16.82
CA ASN A 14 5.81 1.66 15.40
C ASN A 14 5.04 2.97 15.19
N LEU A 15 3.99 3.20 16.00
CA LEU A 15 3.19 4.41 15.81
C LEU A 15 4.03 5.67 16.00
N GLN A 16 5.01 5.64 16.92
CA GLN A 16 5.85 6.82 17.11
C GLN A 16 6.87 6.97 15.99
N VAL A 17 7.40 5.86 15.46
CA VAL A 17 8.21 5.95 14.24
C VAL A 17 7.39 6.59 13.13
N LEU A 18 6.14 6.18 12.99
CA LEU A 18 5.28 6.75 11.96
C LEU A 18 5.07 8.24 12.17
N LYS A 19 4.69 8.62 13.39
CA LYS A 19 4.39 10.03 13.66
C LYS A 19 5.62 10.90 13.50
N PHE A 20 6.82 10.34 13.71
CA PHE A 20 8.06 11.11 13.53
C PHE A 20 8.21 11.53 12.07
N HIS A 21 8.04 10.59 11.14
CA HIS A 21 8.12 10.94 9.73
C HIS A 21 6.89 11.69 9.27
N TYR A 22 5.72 11.32 9.79
CA TYR A 22 4.43 11.81 9.31
C TYR A 22 3.58 12.20 10.50
N PRO A 23 3.74 13.42 10.99
CA PRO A 23 3.05 13.84 12.22
C PRO A 23 1.56 13.88 12.11
N GLU A 24 1.01 13.89 10.88
CA GLU A 24 -0.43 13.90 10.68
C GLU A 24 -1.07 12.53 10.90
N ILE A 25 -0.28 11.47 11.06
CA ILE A 25 -0.84 10.13 11.28
C ILE A 25 -1.38 10.04 12.69
N GLU A 26 -2.59 9.54 12.82
CA GLU A 26 -3.22 9.44 14.13
C GLU A 26 -3.12 8.05 14.73
N SER A 27 -3.35 6.99 13.95
CA SER A 27 -3.29 5.66 14.52
C SER A 27 -3.04 4.64 13.41
N ILE A 28 -2.69 3.43 13.84
CA ILE A 28 -2.52 2.27 12.96
C ILE A 28 -3.81 1.48 12.95
N ILE A 29 -4.36 1.24 11.75
CA ILE A 29 -5.53 0.39 11.59
C ILE A 29 -5.12 -1.08 11.54
N ASP A 30 -4.14 -1.38 10.71
CA ASP A 30 -3.69 -2.77 10.57
C ASP A 30 -2.28 -2.75 9.97
N ILE A 31 -1.69 -3.93 9.85
CA ILE A 31 -0.28 -4.05 9.48
C ILE A 31 -0.09 -5.30 8.61
N ALA A 32 0.90 -5.23 7.73
CA ALA A 32 1.35 -6.42 7.00
C ALA A 32 2.84 -6.30 6.76
N SER A 33 3.58 -7.38 7.00
CA SER A 33 5.03 -7.37 6.81
C SER A 33 5.41 -7.77 5.38
N HIS A 34 6.63 -7.37 4.99
CA HIS A 34 7.25 -7.74 3.72
C HIS A 34 6.34 -7.40 2.53
N VAL A 35 6.14 -6.11 2.35
CA VAL A 35 5.41 -5.57 1.20
C VAL A 35 6.39 -4.85 0.28
N ALA A 36 6.31 -5.16 -1.01
CA ALA A 36 7.12 -4.51 -2.03
C ALA A 36 6.24 -3.60 -2.85
N VAL A 37 6.81 -2.50 -3.34
CA VAL A 37 6.05 -1.46 -4.03
C VAL A 37 6.50 -1.37 -5.48
N TYR A 38 5.54 -1.32 -6.39
CA TYR A 38 5.80 -1.16 -7.81
C TYR A 38 5.06 0.08 -8.31
N GLN A 39 5.57 0.62 -9.41
CA GLN A 39 5.00 1.80 -10.03
C GLN A 39 4.80 1.53 -11.51
N PHE A 40 3.66 1.98 -12.06
CA PHE A 40 3.39 1.76 -13.48
C PHE A 40 3.83 2.98 -14.27
N ASP A 41 4.80 2.77 -15.16
CA ASP A 41 5.28 3.83 -16.04
C ASP A 41 4.45 3.78 -17.32
N VAL A 42 3.40 4.60 -17.37
CA VAL A 42 2.48 4.56 -18.49
C VAL A 42 3.08 5.29 -19.68
N GLY A 43 4.12 6.10 -19.45
CA GLY A 43 4.93 6.66 -20.52
C GLY A 43 5.78 5.61 -21.20
N SER A 44 5.70 4.37 -20.70
CA SER A 44 6.35 3.23 -21.33
C SER A 44 5.50 1.96 -21.26
N GLN A 45 4.33 1.99 -20.61
CA GLN A 45 3.48 0.81 -20.45
C GLN A 45 4.20 -0.33 -19.75
N LYS A 46 5.09 0.00 -18.82
CA LYS A 46 5.84 -1.03 -18.11
C LYS A 46 5.74 -0.76 -16.61
N TRP A 47 5.62 -1.83 -15.84
CA TRP A 47 5.80 -1.73 -14.40
C TRP A 47 7.27 -1.61 -14.07
N LEU A 48 7.58 -0.83 -13.05
CA LEU A 48 8.91 -0.76 -12.48
C LEU A 48 8.82 -1.15 -11.02
N LYS A 49 9.81 -1.90 -10.55
CA LYS A 49 9.90 -2.18 -9.13
C LYS A 49 10.67 -1.04 -8.46
N THR A 50 10.12 -0.51 -7.36
CA THR A 50 10.80 0.56 -6.65
C THR A 50 11.77 -0.02 -5.62
N SER A 51 12.55 0.87 -5.02
CA SER A 51 13.44 0.53 -3.93
C SER A 51 12.72 0.41 -2.61
N ILE A 52 11.40 0.56 -2.61
CA ILE A 52 10.63 0.56 -1.37
C ILE A 52 10.17 -0.86 -1.10
N GLU A 53 10.70 -1.45 -0.04
CA GLU A 53 10.19 -2.70 0.51
C GLU A 53 10.30 -2.61 2.03
N GLY A 54 9.27 -3.08 2.71
CA GLY A 54 9.30 -3.08 4.17
C GLY A 54 7.94 -3.39 4.76
N THR A 55 7.73 -2.89 5.98
CA THR A 55 6.47 -3.12 6.68
C THR A 55 5.42 -2.10 6.24
N PHE A 56 4.24 -2.60 5.95
CA PHE A 56 3.10 -1.83 5.50
C PHE A 56 2.21 -1.54 6.70
N PHE A 57 1.82 -0.29 6.85
CA PHE A 57 0.90 0.10 7.92
C PHE A 57 -0.29 0.81 7.30
N LEU A 58 -1.47 0.26 7.48
CA LEU A 58 -2.67 0.99 7.14
C LEU A 58 -2.97 1.94 8.30
N VAL A 59 -3.11 3.24 8.00
CA VAL A 59 -3.20 4.25 9.06
C VAL A 59 -4.39 5.18 8.76
N LYS A 60 -4.73 5.99 9.74
CA LYS A 60 -5.75 7.00 9.53
C LYS A 60 -5.26 8.37 10.00
N ASP A 61 -5.71 9.39 9.28
CA ASP A 61 -5.48 10.78 9.61
C ASP A 61 -6.02 11.13 10.97
N GLN A 62 -5.62 12.30 11.45
CA GLN A 62 -6.35 12.96 12.53
C GLN A 62 -7.73 13.42 12.06
N ARG A 63 -7.93 13.53 10.74
CA ARG A 63 -9.24 13.76 10.16
C ARG A 63 -9.90 12.45 9.73
N ALA A 64 -9.32 11.31 10.12
CA ALA A 64 -9.83 9.98 9.82
C ALA A 64 -9.80 9.65 8.32
N ARG A 65 -8.95 10.34 7.56
CA ARG A 65 -8.64 9.87 6.21
C ARG A 65 -7.79 8.62 6.30
N VAL A 66 -8.03 7.69 5.39
CA VAL A 66 -7.36 6.40 5.39
C VAL A 66 -6.17 6.45 4.47
N GLY A 67 -5.06 5.87 4.90
CA GLY A 67 -3.89 5.81 4.04
C GLY A 67 -2.97 4.68 4.44
N TYR A 68 -1.77 4.62 3.86
CA TYR A 68 -0.85 3.57 4.24
C TYR A 68 0.57 4.07 4.12
N VAL A 69 1.43 3.54 5.00
CA VAL A 69 2.86 3.83 5.01
C VAL A 69 3.60 2.52 4.78
N ILE A 70 4.64 2.55 3.97
CA ILE A 70 5.62 1.48 3.96
C ILE A 70 6.90 2.08 4.50
N LEU A 71 7.31 1.60 5.67
CA LEU A 71 8.62 1.93 6.22
C LEU A 71 9.67 1.07 5.52
N ASN A 72 10.55 1.73 4.77
CA ASN A 72 11.46 1.08 3.85
C ASN A 72 12.62 0.45 4.60
N ARG A 73 12.88 -0.84 4.32
CA ARG A 73 14.02 -1.55 4.89
C ARG A 73 15.30 -1.30 4.12
N ASN A 74 15.29 -0.44 3.10
CA ASN A 74 16.46 -0.23 2.24
C ASN A 74 17.07 1.15 2.36
N SER A 75 16.32 2.17 2.74
CA SER A 75 16.78 3.55 2.63
C SER A 75 15.92 4.41 3.55
N PRO A 76 16.28 5.68 3.74
CA PRO A 76 15.40 6.58 4.52
C PRO A 76 14.10 6.92 3.80
N GLU A 77 13.98 6.60 2.52
CA GLU A 77 12.83 7.00 1.70
C GLU A 77 11.69 6.02 1.95
N ASN A 78 10.69 6.44 2.74
CA ASN A 78 9.49 5.66 2.94
C ASN A 78 8.42 6.13 1.96
N LEU A 79 7.24 5.52 2.02
CA LEU A 79 6.13 5.93 1.18
C LEU A 79 4.89 6.13 2.03
N TYR A 80 4.22 7.28 1.90
CA TYR A 80 2.95 7.51 2.60
C TYR A 80 1.95 8.03 1.59
N LEU A 81 0.90 7.25 1.33
CA LEU A 81 -0.11 7.57 0.35
C LEU A 81 -1.48 7.47 0.99
N PHE A 82 -2.42 8.29 0.52
CA PHE A 82 -3.81 8.19 0.96
C PHE A 82 -4.60 7.27 0.04
N ILE A 83 -5.63 6.63 0.59
CA ILE A 83 -6.62 5.95 -0.24
C ILE A 83 -7.89 6.78 -0.19
N ASN A 84 -8.14 7.53 -1.26
CA ASN A 84 -9.16 8.57 -1.28
C ASN A 84 -10.54 8.04 -1.66
N HIS A 85 -10.60 6.99 -2.47
CA HIS A 85 -11.87 6.40 -2.89
C HIS A 85 -11.68 4.89 -2.92
N PRO A 86 -12.62 4.12 -2.33
CA PRO A 86 -12.40 2.67 -2.20
C PRO A 86 -12.31 1.96 -3.54
N SER A 87 -13.02 2.43 -4.55
CA SER A 87 -12.92 1.82 -5.88
C SER A 87 -11.58 2.09 -6.56
N ASN A 88 -10.74 2.97 -6.01
CA ASN A 88 -9.39 3.15 -6.53
C ASN A 88 -8.44 2.02 -6.15
N VAL A 89 -8.86 1.06 -5.35
CA VAL A 89 -8.01 -0.05 -4.94
C VAL A 89 -8.62 -1.34 -5.46
N HIS A 90 -7.80 -2.14 -6.13
CA HIS A 90 -8.26 -3.38 -6.74
C HIS A 90 -7.28 -4.49 -6.42
N LEU A 91 -7.83 -5.66 -6.14
CA LEU A 91 -7.05 -6.86 -5.97
C LEU A 91 -7.01 -7.57 -7.33
N VAL A 92 -5.84 -7.57 -7.97
CA VAL A 92 -5.67 -8.16 -9.29
C VAL A 92 -4.53 -9.16 -9.19
N ASP A 93 -4.84 -10.44 -9.38
CA ASP A 93 -3.83 -11.51 -9.36
C ASP A 93 -3.25 -11.56 -7.96
N ARG A 94 -1.94 -11.44 -7.78
CA ARG A 94 -1.32 -11.45 -6.46
C ARG A 94 -1.04 -10.06 -5.93
N TYR A 95 -1.62 -9.02 -6.52
CA TYR A 95 -1.22 -7.65 -6.25
C TYR A 95 -2.41 -6.80 -5.85
N LEU A 96 -2.18 -5.85 -4.95
CA LEU A 96 -3.11 -4.74 -4.75
C LEU A 96 -2.70 -3.61 -5.68
N ILE A 97 -3.61 -3.21 -6.57
CA ILE A 97 -3.38 -2.12 -7.51
C ILE A 97 -4.14 -0.90 -7.01
N HIS A 98 -3.42 0.20 -6.87
CA HIS A 98 -3.97 1.42 -6.29
C HIS A 98 -3.81 2.53 -7.31
N ARG A 99 -4.94 2.96 -7.87
CA ARG A 99 -4.99 3.97 -8.92
C ARG A 99 -5.43 5.29 -8.30
N THR A 100 -4.57 6.28 -8.35
CA THR A 100 -4.99 7.65 -8.06
C THR A 100 -5.35 8.34 -9.37
N GLU A 101 -6.46 9.07 -9.35
CA GLU A 101 -7.06 9.58 -10.57
C GLU A 101 -6.05 10.31 -11.43
N ASN A 102 -6.20 10.14 -12.75
CA ASN A 102 -5.32 10.64 -13.80
C ASN A 102 -4.14 9.70 -14.03
N GLN A 103 -4.40 8.39 -14.09
CA GLN A 103 -3.44 7.42 -14.64
C GLN A 103 -2.18 7.30 -13.79
N HIS A 104 -2.32 7.40 -12.47
CA HIS A 104 -1.20 7.27 -11.56
C HIS A 104 -1.43 5.99 -10.76
N VAL A 105 -0.64 4.96 -11.05
CA VAL A 105 -0.91 3.60 -10.57
C VAL A 105 0.32 3.08 -9.85
N VAL A 106 0.13 2.61 -8.61
CA VAL A 106 1.12 1.84 -7.89
C VAL A 106 0.55 0.45 -7.61
N GLY A 107 1.46 -0.50 -7.38
CA GLY A 107 1.06 -1.87 -7.08
C GLY A 107 1.84 -2.35 -5.87
N LEU A 108 1.16 -3.15 -5.04
CA LEU A 108 1.72 -3.63 -3.79
C LEU A 108 1.72 -5.15 -3.82
N TRP A 109 2.84 -5.74 -3.44
CA TRP A 109 2.93 -7.18 -3.31
C TRP A 109 3.20 -7.52 -1.85
N MET A 110 2.31 -8.27 -1.25
CA MET A 110 2.45 -8.73 0.13
CA MET A 110 2.51 -8.70 0.12
C MET A 110 3.03 -10.13 0.12
N PHE A 111 4.10 -10.37 0.88
CA PHE A 111 4.69 -11.70 0.94
C PHE A 111 3.62 -12.74 1.27
N ASP A 112 2.76 -12.43 2.24
CA ASP A 112 1.76 -13.40 2.68
C ASP A 112 0.45 -13.13 1.95
N PRO A 113 -0.06 -14.09 1.17
CA PRO A 113 -1.34 -13.86 0.47
C PRO A 113 -2.48 -13.48 1.39
N ASN A 114 -2.51 -13.98 2.63
CA ASN A 114 -3.59 -13.63 3.55
C ASN A 114 -3.59 -12.16 3.94
N ASP A 115 -2.41 -11.53 4.03
CA ASP A 115 -2.39 -10.10 4.33
C ASP A 115 -3.08 -9.32 3.22
N MET A 116 -2.89 -9.75 1.98
CA MET A 116 -3.38 -9.05 0.81
C MET A 116 -4.91 -8.95 0.81
N SER A 117 -5.60 -10.08 0.99
CA SER A 117 -7.05 -9.99 0.94
C SER A 117 -7.63 -9.42 2.24
N ARG A 118 -6.95 -9.62 3.36
CA ARG A 118 -7.37 -8.99 4.61
C ARG A 118 -7.25 -7.46 4.53
N ILE A 119 -6.10 -6.97 4.07
CA ILE A 119 -5.91 -5.51 3.98
C ILE A 119 -6.91 -4.90 2.99
N PHE A 120 -7.15 -5.59 1.87
CA PHE A 120 -8.14 -5.13 0.92
C PHE A 120 -9.49 -4.91 1.60
N ASN A 121 -9.97 -5.92 2.36
CA ASN A 121 -11.25 -5.78 3.07
C ASN A 121 -11.21 -4.66 4.08
N ILE A 122 -10.12 -4.55 4.84
CA ILE A 122 -10.01 -3.50 5.84
C ILE A 122 -9.97 -2.14 5.17
N VAL A 123 -9.31 -2.03 4.03
CA VAL A 123 -9.33 -0.75 3.30
C VAL A 123 -10.76 -0.39 2.93
N LYS A 124 -11.50 -1.34 2.33
CA LYS A 124 -12.87 -1.06 1.93
C LYS A 124 -13.76 -0.74 3.12
N GLU A 125 -13.59 -1.48 4.23
CA GLU A 125 -14.45 -1.21 5.38
C GLU A 125 -14.07 0.10 6.07
N SER A 126 -12.79 0.44 6.08
CA SER A 126 -12.36 1.73 6.63
C SER A 126 -12.98 2.91 5.90
N LEU A 127 -13.22 2.78 4.60
CA LEU A 127 -13.83 3.86 3.84
C LEU A 127 -15.33 3.76 3.74
N LEU A 128 -15.91 2.65 4.23
CA LEU A 128 -17.34 2.42 4.10
C LEU A 128 -18.12 3.49 4.85
N ARG A 129 -19.15 4.04 4.20
CA ARG A 129 -19.88 5.16 4.78
C ARG A 129 -21.39 5.07 4.54
N ALA B 2 -12.38 4.50 -15.73
CA ALA B 2 -12.62 3.06 -15.84
C ALA B 2 -11.40 2.35 -16.42
N MET B 3 -10.89 1.36 -15.68
CA MET B 3 -9.75 0.56 -16.13
C MET B 3 -10.15 -0.88 -16.35
N SER B 4 -9.16 -1.66 -16.77
CA SER B 4 -9.24 -3.12 -16.83
C SER B 4 -7.81 -3.65 -16.92
N PHE B 5 -7.68 -4.97 -16.91
CA PHE B 5 -6.35 -5.57 -16.86
C PHE B 5 -6.22 -6.75 -17.83
N HIS B 25 12.61 -11.70 -1.15
CA HIS B 25 12.51 -11.79 -2.59
C HIS B 25 11.08 -11.52 -3.07
N SER B 26 10.90 -10.48 -3.89
CA SER B 26 9.60 -10.06 -4.42
C SER B 26 9.54 -10.31 -5.93
N PRO B 27 8.34 -10.49 -6.49
CA PRO B 27 8.24 -10.78 -7.93
C PRO B 27 8.84 -9.70 -8.79
N ALA B 28 9.32 -10.10 -9.97
CA ALA B 28 9.81 -9.14 -10.95
C ALA B 28 8.64 -8.30 -11.48
N ALA B 29 8.93 -7.03 -11.77
CA ALA B 29 7.86 -6.12 -12.17
C ALA B 29 7.11 -6.63 -13.40
N SER B 30 7.74 -7.47 -14.22
CA SER B 30 7.08 -8.03 -15.39
C SER B 30 5.91 -8.94 -15.03
N ASN B 31 5.81 -9.42 -13.78
CA ASN B 31 4.73 -10.33 -13.41
CA ASN B 31 4.73 -10.32 -13.38
C ASN B 31 3.44 -9.59 -13.08
N LEU B 32 3.48 -8.27 -12.90
CA LEU B 32 2.29 -7.52 -12.51
C LEU B 32 1.34 -7.36 -13.70
N PRO B 33 0.03 -7.37 -13.45
CA PRO B 33 -0.94 -7.22 -14.56
C PRO B 33 -0.95 -5.80 -15.05
N ILE B 34 -1.23 -5.63 -16.34
CA ILE B 34 -1.11 -4.34 -17.00
C ILE B 34 -2.43 -3.60 -16.89
N PRO B 35 -2.48 -2.42 -16.26
CA PRO B 35 -3.71 -1.63 -16.27
C PRO B 35 -3.93 -0.99 -17.63
N THR B 36 -5.20 -0.91 -18.03
CA THR B 36 -5.61 -0.31 -19.30
C THR B 36 -6.69 0.73 -19.04
N PHE B 37 -6.48 1.95 -19.52
CA PHE B 37 -7.44 3.02 -19.32
C PHE B 37 -8.29 3.22 -20.56
N LEU B 38 -9.59 3.38 -20.37
CA LEU B 38 -10.54 3.43 -21.46
C LEU B 38 -11.15 4.82 -21.57
N HIS B 39 -11.67 5.14 -22.76
CA HIS B 39 -12.29 6.42 -23.02
C HIS B 39 -13.52 6.27 -23.91
#